data_7ZEM
#
_entry.id   7ZEM
#
_entity_poly.entity_id   1
_entity_poly.type   'polydeoxyribonucleotide'
_entity_poly.pdbx_seq_one_letter_code
;(THM)(DG)(DG)(DC)(DT)(DA)(DG)(DG)(DG)(DT)(DC)(DA)(DG)(DG)(DG)(DT)(DG)(DG)(DG)
(DT)(DC)(DA)(DG)
;
_entity_poly.pdbx_strand_id   A
#